data_4YPS
#
_entry.id   4YPS
#
_cell.length_a   106.481
_cell.length_b   106.481
_cell.length_c   204.511
_cell.angle_alpha   90.00
_cell.angle_beta   90.00
_cell.angle_gamma   120.00
#
_symmetry.space_group_name_H-M   'H 3 2'
#
loop_
_entity.id
_entity.type
_entity.pdbx_description
1 polymer 'High affinity nerve growth factor receptor'
2 non-polymer 4-{6-[(3R)-3-(3-fluorophenyl)morpholin-4-yl]imidazo[1,2-b]pyridazin-3-yl}benzonitrile
3 non-polymer 'SULFATE ION'
4 water water
#
_entity_poly.entity_id   1
_entity_poly.type   'polypeptide(L)'
_entity_poly.pdbx_seq_one_letter_code
;GAMGSGIRVHHIKRRDIVLKWELGEGAFGKVFLAECHNLLPEQDKMLVAVKALKEASESARQDFQREAELLTMLQHQHIV
RFFGVCTEGRPLLMVFEYMRHGDLNRFLRSHGPDAKLLAGGEDVAPGPLGLGQLLAVASQVAAGMVYLAGLHFVHRDLAT
RNCLVGQGLVVKIGDFGMSRDIYSTDYYRVGGRTMLPIRWMPPESILYRKFTTESDVWSFGVVLWEIFTYGKQPWYQLSN
TEAIDCITQGRELERPRACPPEVYAIMRGCWQREPQQRHSIKDVHARLQALAQAPPVYLDVLG
;
_entity_poly.pdbx_strand_id   A
#
# COMPACT_ATOMS: atom_id res chain seq x y z
N GLY A 4 23.35 23.90 2.92
CA GLY A 4 22.61 22.68 2.68
C GLY A 4 21.48 22.44 3.66
N SER A 5 20.60 23.42 3.81
CA SER A 5 19.41 23.25 4.64
C SER A 5 18.56 22.02 4.29
N GLY A 6 17.85 21.49 5.28
CA GLY A 6 16.91 20.42 5.03
C GLY A 6 16.53 19.64 6.29
N ILE A 7 15.82 18.55 6.09
CA ILE A 7 15.44 17.70 7.20
C ILE A 7 16.66 16.90 7.59
N ARG A 8 16.91 16.82 8.89
CA ARG A 8 17.92 15.92 9.41
C ARG A 8 17.45 14.48 9.22
N VAL A 9 18.23 13.69 8.48
CA VAL A 9 17.93 12.29 8.33
C VAL A 9 18.86 11.46 9.21
N HIS A 10 18.29 10.53 9.97
CA HIS A 10 19.09 9.63 10.78
C HIS A 10 20.06 8.77 9.96
N HIS A 11 21.34 8.78 10.31
CA HIS A 11 22.30 7.93 9.62
C HIS A 11 22.65 6.72 10.50
N ILE A 12 22.91 5.58 9.86
CA ILE A 12 23.22 4.33 10.57
C ILE A 12 24.53 3.74 10.09
N LYS A 13 25.43 3.44 11.00
CA LYS A 13 26.71 2.87 10.60
C LYS A 13 26.51 1.51 9.93
N ARG A 14 27.35 1.19 8.96
CA ARG A 14 27.17 -0.03 8.19
C ARG A 14 27.45 -1.26 9.06
N ARG A 15 28.37 -1.09 9.98
CA ARG A 15 28.80 -2.16 10.88
C ARG A 15 27.66 -2.65 11.75
N ASP A 16 26.63 -1.82 11.88
CA ASP A 16 25.47 -2.15 12.71
C ASP A 16 24.35 -2.79 11.90
N ILE A 17 24.58 -2.89 10.60
CA ILE A 17 23.61 -3.55 9.75
C ILE A 17 24.18 -4.87 9.27
N VAL A 18 23.43 -5.94 9.52
CA VAL A 18 23.83 -7.27 9.11
C VAL A 18 22.67 -7.86 8.32
N LEU A 19 22.86 -7.97 7.01
CA LEU A 19 21.82 -8.44 6.10
C LEU A 19 21.65 -9.95 6.21
N LYS A 20 20.41 -10.42 6.35
CA LYS A 20 20.16 -11.86 6.46
C LYS A 20 19.80 -12.46 5.11
N TRP A 21 18.69 -12.05 4.52
CA TRP A 21 18.39 -12.54 3.19
C TRP A 21 17.44 -11.63 2.44
N GLU A 22 17.48 -11.75 1.12
CA GLU A 22 16.54 -11.02 0.29
C GLU A 22 15.13 -11.48 0.61
N LEU A 23 14.21 -10.53 0.67
CA LEU A 23 12.80 -10.84 0.81
C LEU A 23 12.07 -10.69 -0.52
N GLY A 24 12.54 -9.75 -1.35
CA GLY A 24 11.83 -9.40 -2.58
C GLY A 24 12.63 -8.47 -3.49
N GLU A 25 12.02 -8.08 -4.60
CA GLU A 25 12.67 -7.20 -5.57
C GLU A 25 11.67 -6.21 -6.17
N GLY A 29 12.09 -2.60 -4.88
CA GLY A 29 13.49 -2.45 -5.26
C GLY A 29 14.25 -3.75 -5.11
N LYS A 30 15.07 -3.85 -4.06
CA LYS A 30 15.73 -5.10 -3.68
C LYS A 30 15.82 -5.21 -2.17
N VAL A 31 14.72 -5.60 -1.54
CA VAL A 31 14.58 -5.57 -0.09
C VAL A 31 15.18 -6.79 0.63
N PHE A 32 16.08 -6.55 1.58
CA PHE A 32 16.62 -7.61 2.45
C PHE A 32 16.02 -7.56 3.86
N LEU A 33 16.03 -8.69 4.54
CA LEU A 33 15.74 -8.72 5.95
C LEU A 33 17.05 -8.59 6.68
N ALA A 34 17.09 -7.82 7.77
CA ALA A 34 18.35 -7.64 8.47
C ALA A 34 18.20 -7.51 9.98
N GLU A 35 19.33 -7.63 10.66
CA GLU A 35 19.44 -7.24 12.05
C GLU A 35 20.06 -5.86 12.16
N CYS A 36 19.62 -5.10 13.15
CA CYS A 36 20.19 -3.79 13.39
C CYS A 36 20.40 -3.59 14.87
N HIS A 37 21.67 -3.37 15.26
CA HIS A 37 22.00 -2.90 16.59
C HIS A 37 22.52 -1.46 16.49
N ASN A 38 22.17 -0.62 17.45
CA ASN A 38 21.06 -0.89 18.35
C ASN A 38 20.14 0.32 18.34
N LEU A 39 19.10 0.24 17.53
CA LEU A 39 18.06 1.26 17.47
C LEU A 39 17.25 1.31 18.77
N LEU A 40 17.59 0.47 19.74
CA LEU A 40 16.86 0.42 21.01
C LEU A 40 17.61 1.13 22.13
N ASP A 44 17.26 -3.83 21.68
CA ASP A 44 18.54 -4.53 21.76
C ASP A 44 19.15 -4.64 20.37
N LYS A 45 19.37 -5.87 19.92
CA LYS A 45 19.54 -6.11 18.49
C LYS A 45 18.13 -6.21 17.92
N MET A 46 17.99 -6.21 16.60
CA MET A 46 16.67 -5.95 16.03
C MET A 46 16.51 -6.31 14.57
N LEU A 47 15.38 -6.92 14.24
CA LEU A 47 15.06 -7.19 12.85
C LEU A 47 14.51 -5.92 12.18
N VAL A 48 14.92 -5.69 10.95
CA VAL A 48 14.44 -4.55 10.18
C VAL A 48 14.40 -4.96 8.73
N ALA A 49 13.69 -4.17 7.93
CA ALA A 49 13.71 -4.37 6.49
C ALA A 49 14.58 -3.28 5.84
N VAL A 50 15.42 -3.68 4.88
CA VAL A 50 16.42 -2.80 4.30
C VAL A 50 16.29 -2.75 2.79
N LYS A 51 16.15 -1.56 2.22
CA LYS A 51 16.09 -1.44 0.76
C LYS A 51 17.42 -0.99 0.22
N ALA A 52 17.95 -1.72 -0.75
CA ALA A 52 19.20 -1.34 -1.40
C ALA A 52 18.94 -0.72 -2.76
N LEU A 53 19.82 0.20 -3.17
CA LEU A 53 19.72 0.80 -4.49
C LEU A 53 20.36 -0.11 -5.53
N SER A 57 24.64 6.61 -9.80
CA SER A 57 24.75 7.99 -10.29
C SER A 57 24.49 8.99 -9.17
N GLU A 58 24.94 10.23 -9.38
CA GLU A 58 24.71 11.28 -8.40
C GLU A 58 23.28 11.78 -8.45
N SER A 59 22.62 11.60 -9.60
CA SER A 59 21.23 11.97 -9.74
C SER A 59 20.37 11.03 -8.89
N ALA A 60 20.85 9.80 -8.74
CA ALA A 60 20.19 8.82 -7.89
C ALA A 60 20.41 9.18 -6.42
N ARG A 61 21.64 9.52 -6.08
CA ARG A 61 21.97 10.06 -4.75
C ARG A 61 21.10 11.28 -4.41
N GLN A 62 20.67 12.01 -5.44
CA GLN A 62 19.80 13.17 -5.23
C GLN A 62 18.39 12.72 -4.85
N ASP A 63 17.85 11.77 -5.60
CA ASP A 63 16.52 11.25 -5.32
C ASP A 63 16.52 10.50 -4.00
N PHE A 64 17.62 9.82 -3.72
CA PHE A 64 17.81 9.11 -2.46
C PHE A 64 17.67 10.08 -1.30
N GLN A 65 18.47 11.13 -1.32
CA GLN A 65 18.48 12.15 -0.28
C GLN A 65 17.10 12.78 -0.15
N ARG A 66 16.48 13.02 -1.30
CA ARG A 66 15.19 13.67 -1.36
C ARG A 66 14.14 12.79 -0.72
N GLU A 67 14.02 11.56 -1.24
CA GLU A 67 13.07 10.61 -0.69
C GLU A 67 13.31 10.36 0.80
N ALA A 68 14.58 10.30 1.19
CA ALA A 68 14.94 10.10 2.59
C ALA A 68 14.39 11.22 3.46
N GLU A 69 14.60 12.47 3.04
CA GLU A 69 14.04 13.62 3.75
C GLU A 69 12.53 13.50 3.90
N LEU A 70 11.86 13.13 2.82
CA LEU A 70 10.42 12.97 2.80
C LEU A 70 9.96 11.86 3.74
N LEU A 71 10.60 10.70 3.63
CA LEU A 71 10.28 9.58 4.51
C LEU A 71 10.43 9.98 5.96
N THR A 72 11.44 10.79 6.26
CA THR A 72 11.64 11.26 7.62
C THR A 72 10.47 12.09 8.14
N MET A 73 9.83 12.85 7.26
CA MET A 73 8.74 13.74 7.68
C MET A 73 7.42 13.00 7.82
N LEU A 74 7.10 12.16 6.85
CA LEU A 74 5.87 11.39 6.88
C LEU A 74 5.96 10.27 7.90
N GLN A 75 5.51 10.55 9.11
CA GLN A 75 5.56 9.56 10.16
C GLN A 75 4.21 9.50 10.83
N HIS A 76 3.60 8.30 10.84
CA HIS A 76 2.22 8.16 11.30
C HIS A 76 1.92 6.69 11.62
N GLN A 77 0.98 6.46 12.56
CA GLN A 77 0.68 5.12 13.06
C GLN A 77 0.37 4.11 11.94
N HIS A 78 0.03 4.60 10.75
CA HIS A 78 -0.23 3.68 9.65
C HIS A 78 0.60 4.01 8.41
N ILE A 79 1.81 4.49 8.66
CA ILE A 79 2.79 4.60 7.59
C ILE A 79 3.94 3.75 8.05
N VAL A 80 4.50 2.92 7.17
CA VAL A 80 5.56 2.00 7.60
C VAL A 80 6.72 2.78 8.25
N ARG A 81 7.16 2.32 9.40
CA ARG A 81 8.12 3.10 10.18
C ARG A 81 9.49 3.12 9.51
N PHE A 82 10.01 4.33 9.29
CA PHE A 82 11.29 4.55 8.63
C PHE A 82 12.33 4.91 9.68
N PHE A 83 13.49 4.26 9.65
CA PHE A 83 14.50 4.45 10.69
C PHE A 83 15.72 5.26 10.26
N GLY A 84 15.99 5.31 8.96
CA GLY A 84 17.13 6.10 8.53
C GLY A 84 17.83 5.51 7.34
N VAL A 85 19.04 5.98 7.08
CA VAL A 85 19.80 5.55 5.91
C VAL A 85 21.21 5.18 6.31
N CYS A 86 21.85 4.41 5.45
CA CYS A 86 23.27 4.17 5.55
C CYS A 86 23.88 4.54 4.22
N THR A 87 24.85 5.44 4.24
CA THR A 87 25.40 5.97 3.01
C THR A 87 26.91 5.97 3.04
N GLU A 88 27.47 5.34 4.07
CA GLU A 88 28.91 5.17 4.09
C GLU A 88 29.24 3.98 3.19
N GLY A 89 29.63 4.29 1.97
CA GLY A 89 29.90 3.26 0.99
C GLY A 89 28.70 2.97 0.12
N ARG A 90 28.86 1.99 -0.78
CA ARG A 90 27.80 1.61 -1.69
C ARG A 90 27.50 0.13 -1.51
N PRO A 91 26.24 -0.28 -1.69
CA PRO A 91 25.09 0.50 -2.13
C PRO A 91 24.38 1.23 -0.99
N LEU A 92 23.62 2.25 -1.36
CA LEU A 92 22.93 3.06 -0.38
C LEU A 92 21.74 2.29 0.19
N LEU A 93 21.52 2.43 1.49
CA LEU A 93 20.47 1.68 2.18
C LEU A 93 19.44 2.55 2.86
N MET A 94 18.19 2.13 2.75
CA MET A 94 17.10 2.65 3.54
C MET A 94 16.61 1.59 4.53
N VAL A 95 16.49 1.97 5.80
CA VAL A 95 16.13 1.03 6.86
C VAL A 95 14.75 1.31 7.41
N PHE A 96 13.91 0.28 7.40
CA PHE A 96 12.49 0.33 7.77
C PHE A 96 12.16 -0.72 8.83
N GLU A 97 11.02 -0.61 9.52
CA GLU A 97 10.63 -1.70 10.42
C GLU A 97 10.29 -2.90 9.56
N TYR A 98 10.36 -4.08 10.16
CA TYR A 98 10.02 -5.29 9.43
C TYR A 98 8.58 -5.68 9.69
N MET A 99 7.83 -5.82 8.61
CA MET A 99 6.43 -6.19 8.69
C MET A 99 6.30 -7.67 8.35
N ARG A 100 6.12 -8.50 9.38
CA ARG A 100 6.39 -9.93 9.21
C ARG A 100 5.46 -10.65 8.24
N HIS A 101 4.24 -10.15 8.03
CA HIS A 101 3.36 -10.78 7.04
C HIS A 101 3.43 -10.20 5.63
N GLY A 102 4.46 -9.41 5.33
CA GLY A 102 4.75 -9.09 3.95
C GLY A 102 3.72 -8.11 3.39
N ASP A 103 3.47 -8.16 2.09
CA ASP A 103 2.59 -7.16 1.51
C ASP A 103 1.16 -7.65 1.57
N LEU A 104 0.24 -6.70 1.55
CA LEU A 104 -1.16 -6.92 1.84
C LEU A 104 -1.82 -7.76 0.78
N ASN A 105 -1.36 -7.61 -0.45
CA ASN A 105 -1.96 -8.39 -1.50
C ASN A 105 -1.63 -9.89 -1.33
N ARG A 106 -0.40 -10.18 -0.99
CA ARG A 106 0.00 -11.55 -0.75
C ARG A 106 -0.67 -12.08 0.49
N PHE A 107 -0.75 -11.27 1.51
CA PHE A 107 -1.46 -11.64 2.73
C PHE A 107 -2.90 -12.00 2.44
N LEU A 108 -3.56 -11.17 1.63
CA LEU A 108 -4.98 -11.40 1.36
C LEU A 108 -5.19 -12.73 0.65
N ARG A 109 -4.39 -12.96 -0.38
CA ARG A 109 -4.53 -14.18 -1.18
C ARG A 109 -4.28 -15.43 -0.32
N SER A 110 -3.38 -15.33 0.66
CA SER A 110 -3.04 -16.49 1.49
C SER A 110 -4.13 -16.79 2.50
N HIS A 111 -5.04 -15.85 2.69
CA HIS A 111 -6.22 -16.08 3.52
C HIS A 111 -7.49 -16.13 2.68
N GLY A 112 -7.35 -16.19 1.37
CA GLY A 112 -8.49 -16.27 0.48
C GLY A 112 -9.07 -17.67 0.48
N PRO A 113 -10.35 -17.80 0.11
CA PRO A 113 -10.92 -19.14 -0.05
C PRO A 113 -10.22 -19.88 -1.18
N ASP A 114 -9.51 -19.14 -2.02
CA ASP A 114 -8.82 -19.70 -3.18
C ASP A 114 -7.45 -20.30 -2.86
N ALA A 115 -6.91 -19.99 -1.68
CA ALA A 115 -5.52 -20.33 -1.40
C ALA A 115 -5.24 -21.84 -1.47
N LYS A 116 -4.11 -22.19 -2.08
CA LYS A 116 -3.70 -23.59 -2.23
C LYS A 116 -3.07 -24.15 -0.97
N LEU A 117 -2.44 -23.29 -0.16
CA LEU A 117 -1.79 -23.70 1.08
C LEU A 117 -2.42 -23.07 2.31
N LEU A 118 -2.24 -23.70 3.46
CA LEU A 118 -2.66 -23.14 4.74
C LEU A 118 -1.62 -22.16 5.26
N ALA A 119 -2.06 -21.02 5.76
CA ALA A 119 -1.14 -19.97 6.17
C ALA A 119 -1.00 -19.85 7.68
N GLY A 120 -0.13 -20.66 8.27
CA GLY A 120 0.16 -20.55 9.69
C GLY A 120 0.56 -19.14 10.12
N GLY A 121 0.66 -18.98 11.44
CA GLY A 121 0.93 -17.68 12.03
C GLY A 121 0.24 -17.74 13.37
N GLU A 122 0.97 -17.38 14.42
CA GLU A 122 0.41 -17.47 15.74
C GLU A 122 -0.64 -16.39 15.95
N ASP A 123 -0.60 -15.34 15.14
CA ASP A 123 -1.41 -14.14 15.39
C ASP A 123 -2.67 -14.00 14.53
N VAL A 124 -2.83 -14.83 13.50
CA VAL A 124 -4.14 -14.90 12.85
C VAL A 124 -4.52 -16.31 12.40
N ALA A 125 -5.81 -16.61 12.47
CA ALA A 125 -6.32 -17.88 12.00
C ALA A 125 -6.08 -18.02 10.52
N PRO A 126 -5.80 -19.24 10.07
CA PRO A 126 -5.72 -19.53 8.64
C PRO A 126 -7.12 -19.54 8.07
N GLY A 127 -7.26 -19.36 6.77
CA GLY A 127 -8.56 -19.44 6.16
C GLY A 127 -9.08 -18.03 5.98
N PRO A 128 -10.32 -17.89 5.53
CA PRO A 128 -10.90 -16.57 5.28
C PRO A 128 -10.86 -15.69 6.52
N LEU A 129 -10.52 -14.42 6.31
CA LEU A 129 -10.60 -13.39 7.35
C LEU A 129 -12.05 -13.15 7.74
N GLY A 130 -12.30 -12.84 9.01
CA GLY A 130 -13.61 -12.34 9.41
C GLY A 130 -13.96 -10.99 8.76
N LEU A 131 -15.25 -10.70 8.62
CA LEU A 131 -15.68 -9.41 8.05
C LEU A 131 -15.14 -8.27 8.90
N GLY A 132 -15.20 -8.45 10.22
CA GLY A 132 -14.65 -7.51 11.17
C GLY A 132 -13.21 -7.24 10.83
N GLN A 133 -12.52 -8.30 10.43
CA GLN A 133 -11.10 -8.19 10.06
C GLN A 133 -10.85 -7.47 8.76
N LEU A 134 -11.63 -7.77 7.72
CA LEU A 134 -11.45 -7.08 6.46
C LEU A 134 -11.69 -5.58 6.65
N LEU A 135 -12.68 -5.29 7.48
CA LEU A 135 -13.06 -3.92 7.72
C LEU A 135 -11.95 -3.21 8.46
N ALA A 136 -11.28 -3.92 9.36
CA ALA A 136 -10.18 -3.32 10.13
C ALA A 136 -9.01 -3.01 9.22
N VAL A 137 -8.78 -3.88 8.24
CA VAL A 137 -7.70 -3.66 7.29
C VAL A 137 -8.00 -2.41 6.46
N ALA A 138 -9.23 -2.27 6.00
CA ALA A 138 -9.58 -1.13 5.17
C ALA A 138 -9.47 0.17 5.97
N SER A 139 -10.03 0.18 7.17
CA SER A 139 -9.95 1.34 8.05
C SER A 139 -8.51 1.83 8.22
N GLN A 140 -7.60 0.89 8.40
CA GLN A 140 -6.21 1.22 8.66
C GLN A 140 -5.56 1.84 7.45
N VAL A 141 -5.87 1.31 6.27
CA VAL A 141 -5.31 1.87 5.06
C VAL A 141 -5.83 3.29 4.88
N ALA A 142 -7.14 3.48 5.08
CA ALA A 142 -7.74 4.81 4.93
C ALA A 142 -7.06 5.82 5.86
N ALA A 143 -6.88 5.43 7.11
CA ALA A 143 -6.23 6.30 8.10
C ALA A 143 -4.87 6.74 7.58
N GLY A 144 -4.11 5.82 7.02
CA GLY A 144 -2.88 6.20 6.35
C GLY A 144 -3.13 7.27 5.29
N MET A 145 -4.20 7.08 4.52
CA MET A 145 -4.51 7.99 3.45
C MET A 145 -4.97 9.34 3.98
N VAL A 146 -5.67 9.35 5.11
CA VAL A 146 -6.13 10.60 5.71
C VAL A 146 -4.92 11.46 6.04
N TYR A 147 -3.95 10.86 6.69
CA TYR A 147 -2.72 11.54 7.02
C TYR A 147 -2.07 12.11 5.77
N LEU A 148 -1.96 11.31 4.72
CA LEU A 148 -1.24 11.78 3.56
C LEU A 148 -2.00 12.90 2.87
N ALA A 149 -3.33 12.80 2.81
CA ALA A 149 -4.11 13.87 2.17
C ALA A 149 -3.97 15.16 2.96
N GLY A 150 -3.98 15.02 4.28
CA GLY A 150 -3.70 16.11 5.18
C GLY A 150 -2.47 16.90 4.80
N LEU A 151 -1.43 16.22 4.33
CA LEU A 151 -0.18 16.87 3.94
C LEU A 151 -0.15 17.23 2.45
N HIS A 152 -1.27 17.03 1.75
CA HIS A 152 -1.30 17.21 0.30
C HIS A 152 -0.27 16.32 -0.43
N PHE A 153 0.04 15.16 0.15
CA PHE A 153 0.88 14.15 -0.49
C PHE A 153 0.02 13.33 -1.45
N VAL A 154 0.42 13.24 -2.70
CA VAL A 154 -0.34 12.43 -3.65
C VAL A 154 0.44 11.16 -3.91
N HIS A 155 -0.16 10.03 -3.53
CA HIS A 155 0.41 8.69 -3.72
C HIS A 155 0.03 8.22 -5.10
N ARG A 156 0.94 7.94 -6.00
CA ARG A 156 0.35 7.69 -7.31
C ARG A 156 0.12 6.19 -7.58
N ASP A 157 0.27 5.35 -6.56
CA ASP A 157 0.20 3.90 -6.81
C ASP A 157 -0.37 3.18 -5.59
N LEU A 158 -1.51 3.64 -5.12
CA LEU A 158 -2.18 3.02 -3.97
C LEU A 158 -2.84 1.71 -4.40
N ALA A 159 -2.53 0.63 -3.67
CA ALA A 159 -2.89 -0.73 -4.07
C ALA A 159 -2.43 -1.65 -2.95
N THR A 160 -3.11 -2.77 -2.74
CA THR A 160 -2.72 -3.66 -1.64
C THR A 160 -1.26 -4.12 -1.75
N ARG A 161 -0.73 -4.28 -2.97
CA ARG A 161 0.69 -4.63 -3.12
C ARG A 161 1.64 -3.62 -2.50
N ASN A 162 1.18 -2.41 -2.15
CA ASN A 162 2.08 -1.42 -1.60
C ASN A 162 1.78 -1.12 -0.16
N CYS A 163 0.93 -1.94 0.44
CA CYS A 163 0.65 -1.93 1.87
C CYS A 163 1.37 -3.07 2.54
N LEU A 164 1.64 -2.97 3.83
CA LEU A 164 2.40 -3.98 4.56
C LEU A 164 1.61 -4.42 5.78
N VAL A 165 1.75 -5.69 6.16
CA VAL A 165 1.04 -6.24 7.31
C VAL A 165 1.99 -6.72 8.39
N GLY A 166 1.76 -6.30 9.61
CA GLY A 166 2.68 -6.56 10.69
C GLY A 166 2.02 -7.43 11.74
N GLN A 167 2.73 -7.65 12.84
CA GLN A 167 2.19 -8.42 13.96
C GLN A 167 0.80 -7.93 14.32
N GLY A 168 -0.07 -8.85 14.67
CA GLY A 168 -1.39 -8.49 15.14
C GLY A 168 -2.29 -7.87 14.08
N LEU A 169 -1.87 -7.94 12.82
CA LEU A 169 -2.69 -7.46 11.72
C LEU A 169 -2.71 -5.95 11.62
N VAL A 170 -1.61 -5.31 12.01
CA VAL A 170 -1.48 -3.89 11.79
C VAL A 170 -1.14 -3.74 10.33
N VAL A 171 -1.75 -2.74 9.69
CA VAL A 171 -1.55 -2.50 8.27
C VAL A 171 -1.00 -1.11 8.06
N LYS A 172 0.02 -0.97 7.23
CA LYS A 172 0.62 0.32 7.02
C LYS A 172 0.86 0.51 5.57
N ILE A 173 0.89 1.77 5.16
CA ILE A 173 1.07 2.10 3.76
C ILE A 173 2.54 2.21 3.54
N GLY A 174 3.03 1.56 2.50
CA GLY A 174 4.46 1.46 2.26
C GLY A 174 4.88 2.23 1.03
N ASP A 175 6.04 1.83 0.50
CA ASP A 175 6.74 2.50 -0.60
C ASP A 175 6.11 3.81 -1.06
N MET A 178 9.62 0.37 -5.29
CA MET A 178 8.66 -0.55 -5.90
C MET A 178 9.15 -0.98 -7.25
N SER A 179 8.57 -2.04 -7.78
CA SER A 179 7.72 -2.93 -6.99
C SER A 179 8.21 -4.32 -7.29
N ARG A 180 7.60 -5.33 -6.68
CA ARG A 180 7.96 -6.71 -6.94
C ARG A 180 7.68 -7.07 -8.41
N ASP A 181 8.67 -7.69 -9.05
CA ASP A 181 8.54 -8.14 -10.44
C ASP A 181 7.33 -9.08 -10.64
N ILE A 182 6.84 -9.67 -9.55
CA ILE A 182 5.69 -10.57 -9.62
C ILE A 182 4.40 -9.79 -9.85
N TYR A 183 4.48 -8.47 -9.70
CA TYR A 183 3.31 -7.61 -9.87
C TYR A 183 3.40 -6.76 -11.15
N SER A 184 4.34 -7.12 -12.03
CA SER A 184 4.49 -6.43 -13.29
C SER A 184 3.18 -6.41 -14.06
N THR A 185 2.44 -7.49 -13.94
CA THR A 185 1.14 -7.62 -14.60
C THR A 185 0.14 -6.51 -14.16
N ASP A 186 0.43 -5.83 -13.06
CA ASP A 186 -0.44 -4.78 -12.56
C ASP A 186 -0.13 -3.41 -13.16
N TYR A 187 0.84 -3.35 -14.06
CA TYR A 187 1.15 -2.07 -14.70
C TYR A 187 1.11 -2.19 -16.21
N TYR A 188 0.86 -1.08 -16.87
CA TYR A 188 0.76 -1.02 -18.32
C TYR A 188 1.83 -0.09 -18.87
N ARG A 189 2.61 -0.62 -19.80
CA ARG A 189 3.77 0.08 -20.37
C ARG A 189 3.35 1.09 -21.43
N VAL A 190 3.63 2.35 -21.16
CA VAL A 190 3.34 3.45 -22.08
C VAL A 190 4.64 4.07 -22.61
N THR A 194 7.69 3.95 -19.10
CA THR A 194 6.68 4.49 -18.21
C THR A 194 5.59 3.45 -17.93
N MET A 195 5.50 3.02 -16.68
CA MET A 195 4.54 1.99 -16.31
C MET A 195 3.40 2.57 -15.48
N LEU A 196 2.17 2.47 -15.98
CA LEU A 196 1.02 2.95 -15.21
C LEU A 196 0.16 1.80 -14.64
N PRO A 197 -0.30 1.96 -13.38
CA PRO A 197 -1.22 1.09 -12.64
C PRO A 197 -2.62 1.44 -13.09
N ILE A 198 -2.87 1.25 -14.37
CA ILE A 198 -4.10 1.72 -14.95
C ILE A 198 -5.33 1.15 -14.28
N ARG A 199 -5.27 -0.10 -13.83
CA ARG A 199 -6.46 -0.71 -13.27
C ARG A 199 -6.87 0.02 -11.99
N TRP A 200 -5.96 0.77 -11.37
CA TRP A 200 -6.29 1.50 -10.14
C TRP A 200 -6.54 3.00 -10.42
N MET A 201 -6.43 3.43 -11.67
CA MET A 201 -6.50 4.87 -11.96
C MET A 201 -7.89 5.34 -12.37
N PRO A 202 -8.29 6.56 -11.96
CA PRO A 202 -9.55 7.19 -12.39
C PRO A 202 -9.49 7.76 -13.80
N PRO A 203 -10.66 8.03 -14.40
CA PRO A 203 -10.75 8.65 -15.74
C PRO A 203 -9.86 9.88 -15.88
N GLU A 204 -9.81 10.76 -14.88
CA GLU A 204 -9.09 12.02 -15.08
C GLU A 204 -7.59 11.77 -15.17
N SER A 205 -7.14 10.64 -14.63
CA SER A 205 -5.74 10.24 -14.70
C SER A 205 -5.46 9.61 -16.04
N ILE A 206 -6.29 8.67 -16.45
CA ILE A 206 -6.14 8.09 -17.76
C ILE A 206 -6.35 9.12 -18.89
N LEU A 207 -7.39 9.94 -18.79
CA LEU A 207 -7.74 10.90 -19.85
C LEU A 207 -6.89 12.15 -19.90
N TYR A 208 -6.63 12.74 -18.74
CA TYR A 208 -6.03 14.08 -18.70
C TYR A 208 -4.68 14.07 -18.02
N ARG A 209 -4.24 12.91 -17.55
CA ARG A 209 -2.98 12.80 -16.81
C ARG A 209 -2.94 13.68 -15.55
N LYS A 210 -4.09 13.87 -14.91
CA LYS A 210 -4.18 14.59 -13.64
C LYS A 210 -4.19 13.63 -12.45
N PHE A 211 -3.34 13.86 -11.46
CA PHE A 211 -3.35 13.06 -10.22
C PHE A 211 -3.51 13.95 -9.00
N THR A 212 -4.56 13.70 -8.24
CA THR A 212 -4.92 14.51 -7.07
C THR A 212 -5.17 13.64 -5.88
N THR A 213 -5.47 14.26 -4.73
CA THR A 213 -5.86 13.45 -3.59
C THR A 213 -7.16 12.75 -3.93
N GLU A 214 -7.93 13.35 -4.83
CA GLU A 214 -9.19 12.77 -5.27
C GLU A 214 -8.95 11.57 -6.16
N SER A 215 -7.81 11.54 -6.84
CA SER A 215 -7.42 10.35 -7.61
C SER A 215 -7.10 9.23 -6.64
N ASP A 216 -6.53 9.58 -5.48
CA ASP A 216 -6.17 8.58 -4.48
C ASP A 216 -7.41 7.98 -3.85
N VAL A 217 -8.45 8.79 -3.75
CA VAL A 217 -9.71 8.31 -3.21
C VAL A 217 -10.34 7.28 -4.15
N TRP A 218 -10.19 7.48 -5.44
CA TRP A 218 -10.63 6.51 -6.41
C TRP A 218 -9.84 5.22 -6.26
N SER A 219 -8.51 5.33 -6.28
CA SER A 219 -7.61 4.21 -6.04
C SER A 219 -7.99 3.45 -4.77
N PHE A 220 -8.22 4.18 -3.69
CA PHE A 220 -8.56 3.53 -2.46
C PHE A 220 -9.83 2.70 -2.62
N GLY A 221 -10.73 3.16 -3.45
CA GLY A 221 -11.94 2.41 -3.70
C GLY A 221 -11.59 1.08 -4.34
N VAL A 222 -10.57 1.08 -5.19
CA VAL A 222 -10.16 -0.14 -5.85
C VAL A 222 -9.45 -1.04 -4.81
N VAL A 223 -8.73 -0.41 -3.89
CA VAL A 223 -8.13 -1.14 -2.78
C VAL A 223 -9.19 -1.85 -1.95
N LEU A 224 -10.31 -1.21 -1.74
CA LEU A 224 -11.41 -1.80 -1.01
C LEU A 224 -11.93 -3.05 -1.71
N TRP A 225 -12.05 -2.96 -3.04
CA TRP A 225 -12.47 -4.09 -3.85
C TRP A 225 -11.43 -5.22 -3.75
N GLU A 226 -10.15 -4.86 -3.78
CA GLU A 226 -9.10 -5.85 -3.58
C GLU A 226 -9.25 -6.57 -2.27
N ILE A 227 -9.46 -5.81 -1.21
CA ILE A 227 -9.58 -6.40 0.11
C ILE A 227 -10.74 -7.38 0.19
N PHE A 228 -11.88 -7.02 -0.37
CA PHE A 228 -13.03 -7.89 -0.27
C PHE A 228 -13.11 -8.94 -1.36
N THR A 229 -12.12 -8.99 -2.24
CA THR A 229 -11.98 -10.15 -3.13
C THR A 229 -10.79 -11.01 -2.69
N TYR A 230 -10.26 -10.74 -1.52
CA TYR A 230 -9.04 -11.41 -1.07
C TYR A 230 -7.94 -11.32 -2.12
N GLY A 231 -7.82 -10.15 -2.74
CA GLY A 231 -6.63 -9.84 -3.48
C GLY A 231 -6.64 -10.06 -4.99
N LYS A 232 -7.82 -10.21 -5.58
CA LYS A 232 -7.87 -10.43 -7.01
C LYS A 232 -7.49 -9.17 -7.75
N GLN A 233 -6.86 -9.33 -8.90
CA GLN A 233 -6.67 -8.21 -9.79
C GLN A 233 -7.98 -7.60 -10.29
N PRO A 234 -8.15 -6.28 -10.10
CA PRO A 234 -9.29 -5.54 -10.69
C PRO A 234 -9.39 -5.81 -12.19
N TRP A 235 -10.59 -6.09 -12.70
CA TRP A 235 -10.78 -6.43 -14.12
C TRP A 235 -9.88 -7.62 -14.60
N TYR A 236 -9.68 -8.65 -13.77
CA TYR A 236 -8.74 -9.70 -14.18
C TYR A 236 -9.11 -10.39 -15.49
N GLN A 237 -10.37 -10.35 -15.90
CA GLN A 237 -10.71 -10.98 -17.16
C GLN A 237 -10.24 -10.16 -18.39
N LEU A 238 -9.88 -8.90 -18.19
CA LEU A 238 -9.66 -7.98 -19.31
C LEU A 238 -8.21 -7.60 -19.60
N SER A 239 -7.90 -7.41 -20.88
CA SER A 239 -6.65 -6.79 -21.29
C SER A 239 -6.51 -5.36 -20.70
N ASN A 240 -5.30 -4.82 -20.76
CA ASN A 240 -5.10 -3.47 -20.29
C ASN A 240 -5.94 -2.43 -21.06
N THR A 241 -6.01 -2.55 -22.38
CA THR A 241 -6.79 -1.56 -23.13
C THR A 241 -8.27 -1.76 -22.78
N GLU A 242 -8.69 -3.00 -22.66
CA GLU A 242 -10.07 -3.27 -22.28
C GLU A 242 -10.43 -2.63 -20.93
N ALA A 243 -9.54 -2.72 -19.96
CA ALA A 243 -9.82 -2.14 -18.65
C ALA A 243 -9.91 -0.60 -18.79
N ILE A 244 -9.07 -0.04 -19.65
CA ILE A 244 -9.10 1.39 -19.91
C ILE A 244 -10.43 1.80 -20.52
N ASP A 245 -10.89 1.04 -21.52
CA ASP A 245 -12.23 1.24 -22.05
C ASP A 245 -13.26 1.26 -20.92
N CYS A 246 -13.18 0.28 -20.02
CA CYS A 246 -14.13 0.21 -18.91
C CYS A 246 -14.10 1.44 -18.04
N ILE A 247 -12.91 1.78 -17.58
CA ILE A 247 -12.75 2.89 -16.66
C ILE A 247 -13.25 4.20 -17.27
N THR A 248 -12.91 4.44 -18.54
CA THR A 248 -13.27 5.69 -19.19
C THR A 248 -14.72 5.73 -19.62
N GLN A 249 -15.28 4.56 -19.93
CA GLN A 249 -16.65 4.48 -20.40
C GLN A 249 -17.63 4.34 -19.23
N GLY A 250 -17.12 4.35 -18.01
CA GLY A 250 -17.95 4.42 -16.83
C GLY A 250 -18.39 3.10 -16.17
N ARG A 251 -17.87 1.97 -16.63
CA ARG A 251 -18.19 0.68 -16.00
C ARG A 251 -17.49 0.54 -14.66
N GLU A 252 -18.21 0.05 -13.66
CA GLU A 252 -17.64 -0.10 -12.33
C GLU A 252 -17.44 -1.56 -11.98
N LEU A 253 -16.41 -1.85 -11.19
CA LEU A 253 -16.19 -3.20 -10.68
C LEU A 253 -17.42 -3.67 -9.89
N GLU A 254 -17.73 -4.95 -9.99
CA GLU A 254 -18.91 -5.44 -9.33
C GLU A 254 -18.67 -5.69 -7.84
N ARG A 255 -19.75 -5.69 -7.07
CA ARG A 255 -19.65 -5.95 -5.65
C ARG A 255 -19.11 -7.36 -5.37
N PRO A 256 -18.02 -7.45 -4.58
CA PRO A 256 -17.55 -8.77 -4.19
C PRO A 256 -18.57 -9.50 -3.33
N ARG A 257 -18.62 -10.82 -3.49
CA ARG A 257 -19.50 -11.68 -2.70
C ARG A 257 -19.30 -11.48 -1.19
N ALA A 258 -18.05 -11.32 -0.77
CA ALA A 258 -17.75 -11.09 0.65
C ALA A 258 -18.09 -9.65 1.13
N CYS A 259 -18.53 -8.79 0.22
CA CYS A 259 -18.66 -7.37 0.52
C CYS A 259 -20.11 -6.92 0.79
N PRO A 260 -20.35 -6.39 2.01
CA PRO A 260 -21.69 -5.92 2.37
C PRO A 260 -22.04 -4.62 1.67
N PRO A 261 -23.34 -4.38 1.50
CA PRO A 261 -23.86 -3.20 0.80
C PRO A 261 -23.29 -1.89 1.33
N GLU A 262 -23.24 -1.73 2.65
CA GLU A 262 -22.69 -0.50 3.21
C GLU A 262 -21.28 -0.24 2.68
N VAL A 263 -20.50 -1.31 2.52
CA VAL A 263 -19.15 -1.11 2.01
C VAL A 263 -19.13 -0.91 0.49
N TYR A 264 -19.98 -1.62 -0.23
CA TYR A 264 -20.03 -1.42 -1.66
C TYR A 264 -20.42 0.04 -1.95
N ALA A 265 -21.34 0.57 -1.14
CA ALA A 265 -21.76 1.97 -1.21
C ALA A 265 -20.57 2.93 -1.09
N ILE A 266 -19.74 2.69 -0.08
CA ILE A 266 -18.52 3.47 0.09
C ILE A 266 -17.63 3.33 -1.13
N MET A 267 -17.52 2.12 -1.70
CA MET A 267 -16.77 1.95 -2.95
C MET A 267 -17.29 2.85 -4.06
N ARG A 268 -18.60 2.73 -4.34
CA ARG A 268 -19.25 3.51 -5.39
C ARG A 268 -18.99 5.00 -5.24
N GLY A 269 -18.92 5.46 -4.00
CA GLY A 269 -18.69 6.86 -3.72
C GLY A 269 -17.29 7.30 -4.09
N CYS A 270 -16.35 6.36 -4.11
CA CYS A 270 -14.97 6.67 -4.47
C CYS A 270 -14.84 6.81 -5.97
N TRP A 271 -15.87 6.34 -6.66
CA TRP A 271 -15.79 6.10 -8.09
C TRP A 271 -16.64 7.08 -8.88
N GLN A 272 -17.08 8.16 -8.23
CA GLN A 272 -17.79 9.22 -8.96
C GLN A 272 -16.90 9.70 -10.11
N ARG A 273 -17.48 9.90 -11.28
CA ARG A 273 -16.66 10.27 -12.42
C ARG A 273 -16.07 11.67 -12.17
N GLU A 274 -16.84 12.55 -11.54
CA GLU A 274 -16.34 13.88 -11.20
C GLU A 274 -15.63 13.82 -9.86
N PRO A 275 -14.35 14.19 -9.83
CA PRO A 275 -13.53 14.12 -8.61
C PRO A 275 -14.17 14.79 -7.40
N GLN A 276 -14.81 15.92 -7.64
CA GLN A 276 -15.32 16.74 -6.56
C GLN A 276 -16.57 16.15 -5.91
N GLN A 277 -17.20 15.20 -6.59
CA GLN A 277 -18.35 14.50 -6.00
C GLN A 277 -17.90 13.25 -5.23
N ARG A 278 -16.63 12.92 -5.31
CA ARG A 278 -16.10 11.80 -4.52
C ARG A 278 -16.07 12.23 -3.08
N HIS A 279 -16.44 11.34 -2.17
CA HIS A 279 -16.40 11.65 -0.75
C HIS A 279 -14.96 11.83 -0.31
N SER A 280 -14.72 12.64 0.72
CA SER A 280 -13.35 12.84 1.20
C SER A 280 -12.82 11.55 1.84
N ILE A 281 -11.50 11.41 1.84
CA ILE A 281 -10.88 10.26 2.47
C ILE A 281 -11.20 10.26 3.96
N LYS A 282 -11.30 11.44 4.56
CA LYS A 282 -11.64 11.58 5.97
C LYS A 282 -13.00 10.95 6.23
N ASP A 283 -13.92 11.19 5.30
CA ASP A 283 -15.29 10.72 5.42
C ASP A 283 -15.30 9.19 5.29
N VAL A 284 -14.60 8.73 4.27
CA VAL A 284 -14.49 7.32 3.99
C VAL A 284 -13.97 6.56 5.20
N HIS A 285 -12.82 6.98 5.72
CA HIS A 285 -12.27 6.39 6.92
C HIS A 285 -13.24 6.33 8.07
N ALA A 286 -13.96 7.42 8.30
CA ALA A 286 -14.89 7.48 9.43
C ALA A 286 -15.99 6.41 9.32
N ARG A 287 -16.50 6.22 8.11
CA ARG A 287 -17.53 5.23 7.89
C ARG A 287 -16.98 3.81 8.07
N LEU A 288 -15.80 3.56 7.50
CA LEU A 288 -15.20 2.24 7.63
C LEU A 288 -14.88 1.94 9.07
N GLN A 289 -14.44 2.95 9.82
CA GLN A 289 -14.11 2.73 11.22
C GLN A 289 -15.34 2.38 12.04
N ALA A 290 -16.48 2.91 11.63
CA ALA A 290 -17.72 2.67 12.35
C ALA A 290 -18.27 1.29 12.02
N LEU A 291 -18.30 0.97 10.74
CA LEU A 291 -18.64 -0.38 10.28
C LEU A 291 -17.78 -1.38 11.01
N ALA A 292 -16.48 -1.07 11.12
CA ALA A 292 -15.53 -1.95 11.76
C ALA A 292 -15.82 -2.16 13.24
N GLN A 293 -16.19 -1.09 13.96
CA GLN A 293 -16.43 -1.21 15.40
C GLN A 293 -17.72 -1.99 15.66
N ALA A 294 -18.46 -2.31 14.61
CA ALA A 294 -19.74 -3.02 14.74
C ALA A 294 -20.19 -3.57 13.39
N PRO A 295 -19.56 -4.66 12.95
CA PRO A 295 -19.74 -5.26 11.62
C PRO A 295 -21.15 -5.76 11.36
N PRO A 296 -21.78 -5.25 10.30
CA PRO A 296 -23.13 -5.67 9.95
C PRO A 296 -23.18 -7.12 9.47
N VAL A 297 -24.36 -7.74 9.51
CA VAL A 297 -24.49 -9.14 9.14
C VAL A 297 -25.12 -9.27 7.75
#